data_3N1A
#
_entry.id   3N1A
#
_cell.length_a   48.737
_cell.length_b   75.045
_cell.length_c   79.081
_cell.angle_alpha   90.00
_cell.angle_beta   90.00
_cell.angle_gamma   90.00
#
_symmetry.space_group_name_H-M   'P 21 21 21'
#
loop_
_entity.id
_entity.type
_entity.pdbx_description
1 polymer 'Chitinase A'
2 non-polymer 'CYCLO-(L-HISTIDINE-L-PROLINE) INHIBITOR'
3 water water
#
_entity_poly.entity_id   1
_entity_poly.type   'polypeptide(L)'
_entity_poly.pdbx_seq_one_letter_code
;ANNLGSKLLVGYWHNFDNGTGIIKLKDVSPKWDVINVSFGETGGDRSTVEFSPVYGTDADFKSDISYLKSKGKKVVLSIG
GQNGVVLLPDNAAKDRFINSIQSLIDKYGFDGIDIDLGSGIYLNGNDTNFKNPTTPQIVNLISAIRTISDHYGPDFLLSM
APETAYVQGGYSAYGSIWGAYLPIIYGVKDKLTYIHVQHFNAGSGIGMDGNNYNQGTADYEVAMADMLLHGFPVGGNANN
IFPALRSDQVMIGLPAAPAAAPSGGYISPTEMKKALNYIIKGVPFGGKYKLSNQSGYPAFRGLMSWSINWDAKNNFEFSN
NYRTYFDGLSLQK
;
_entity_poly.pdbx_strand_id   A
#
loop_
_chem_comp.id
_chem_comp.type
_chem_comp.name
_chem_comp.formula
CHQ non-polymer 'CYCLO-(L-HISTIDINE-L-PROLINE) INHIBITOR' 'C11 H14 N4 O2'
#
# COMPACT_ATOMS: atom_id res chain seq x y z
N ASN A 3 -5.73 -1.35 -19.27
CA ASN A 3 -6.45 -0.70 -18.14
C ASN A 3 -5.52 0.16 -17.27
N LEU A 4 -4.84 -0.48 -16.34
CA LEU A 4 -3.91 0.20 -15.44
C LEU A 4 -2.57 0.50 -16.12
N GLY A 5 -2.15 1.75 -16.07
CA GLY A 5 -0.89 2.17 -16.65
C GLY A 5 0.27 1.45 -15.99
N SER A 6 1.45 1.54 -16.61
CA SER A 6 2.63 0.86 -16.12
C SER A 6 3.42 1.71 -15.13
N LYS A 7 3.07 2.98 -15.04
CA LYS A 7 3.69 3.89 -14.08
C LYS A 7 2.61 4.72 -13.43
N LEU A 8 2.29 4.37 -12.19
CA LEU A 8 1.08 4.89 -11.54
C LEU A 8 1.36 5.85 -10.41
N LEU A 9 0.43 6.79 -10.22
CA LEU A 9 0.37 7.55 -8.99
C LEU A 9 -0.90 7.13 -8.28
N VAL A 10 -0.74 6.58 -7.08
CA VAL A 10 -1.85 6.13 -6.27
C VAL A 10 -1.98 7.05 -5.07
N GLY A 11 -3.14 7.68 -4.91
CA GLY A 11 -3.34 8.64 -3.83
C GLY A 11 -4.46 8.27 -2.89
N TYR A 12 -4.23 8.47 -1.60
CA TYR A 12 -5.27 8.26 -0.60
C TYR A 12 -6.17 9.48 -0.50
N TRP A 13 -7.47 9.24 -0.42
CA TRP A 13 -8.47 10.29 -0.40
C TRP A 13 -9.21 10.29 0.93
N HIS A 14 -9.18 11.42 1.63
CA HIS A 14 -9.75 11.52 2.97
C HIS A 14 -11.29 11.50 2.95
N ASN A 15 -11.88 10.42 3.47
CA ASN A 15 -13.32 10.43 3.71
C ASN A 15 -13.60 11.05 5.06
N PHE A 16 -12.97 12.21 5.29
CA PHE A 16 -13.03 12.86 6.59
C PHE A 16 -12.28 14.18 6.50
N ASP A 17 -12.50 15.05 7.48
CA ASP A 17 -11.76 16.30 7.56
C ASP A 17 -10.80 16.25 8.73
N ASN A 18 -9.51 16.24 8.45
CA ASN A 18 -8.50 16.18 9.50
C ASN A 18 -7.71 17.48 9.59
N GLY A 19 -8.22 18.54 8.97
CA GLY A 19 -7.53 19.82 8.96
C GLY A 19 -7.10 20.23 7.56
N THR A 20 -6.99 19.26 6.66
CA THR A 20 -6.61 19.53 5.28
C THR A 20 -7.84 19.79 4.43
N GLY A 21 -9.01 19.66 5.04
CA GLY A 21 -10.26 19.93 4.35
C GLY A 21 -10.72 18.76 3.49
N ILE A 22 -11.86 18.93 2.85
CA ILE A 22 -12.43 17.88 2.03
C ILE A 22 -12.37 18.25 0.55
N ILE A 23 -11.99 17.29 -0.28
CA ILE A 23 -11.96 17.46 -1.71
C ILE A 23 -13.02 16.57 -2.35
N LYS A 24 -14.00 17.17 -3.00
CA LYS A 24 -15.02 16.41 -3.72
C LYS A 24 -14.35 15.53 -4.77
N LEU A 25 -14.83 14.32 -4.94
CA LEU A 25 -14.19 13.39 -5.86
C LEU A 25 -13.93 14.03 -7.23
N LYS A 26 -14.92 14.75 -7.76
CA LYS A 26 -14.81 15.35 -9.08
C LYS A 26 -13.72 16.43 -9.17
N ASP A 27 -13.27 16.92 -8.02
CA ASP A 27 -12.25 17.97 -7.98
C ASP A 27 -10.86 17.38 -7.74
N VAL A 28 -10.77 16.06 -7.67
CA VAL A 28 -9.49 15.39 -7.49
C VAL A 28 -8.63 15.54 -8.74
N SER A 29 -7.37 15.93 -8.56
CA SER A 29 -6.46 16.10 -9.69
C SER A 29 -6.44 14.86 -10.57
N PRO A 30 -6.50 15.06 -11.90
CA PRO A 30 -6.49 13.94 -12.82
C PRO A 30 -5.12 13.25 -12.90
N LYS A 31 -4.12 13.83 -12.23
CA LYS A 31 -2.78 13.23 -12.24
C LYS A 31 -2.72 11.96 -11.40
N TRP A 32 -3.70 11.77 -10.52
CA TRP A 32 -3.83 10.53 -9.77
C TRP A 32 -4.49 9.46 -10.64
N ASP A 33 -3.87 8.29 -10.73
CA ASP A 33 -4.40 7.18 -11.50
C ASP A 33 -5.36 6.34 -10.69
N VAL A 34 -5.08 6.24 -9.39
CA VAL A 34 -5.91 5.45 -8.50
C VAL A 34 -6.21 6.24 -7.24
N ILE A 35 -7.47 6.21 -6.83
CA ILE A 35 -7.89 6.89 -5.62
C ILE A 35 -8.29 5.88 -4.56
N ASN A 36 -7.55 5.89 -3.45
CA ASN A 36 -7.86 5.02 -2.31
C ASN A 36 -8.73 5.74 -1.30
N VAL A 37 -10.03 5.47 -1.34
CA VAL A 37 -10.99 6.09 -0.43
C VAL A 37 -10.79 5.58 0.99
N SER A 38 -10.57 6.52 1.92
CA SER A 38 -10.11 6.19 3.27
C SER A 38 -11.07 6.72 4.32
N PHE A 39 -11.64 5.84 5.15
CA PHE A 39 -11.41 4.40 5.13
C PHE A 39 -12.72 3.67 5.33
N GLY A 40 -12.75 2.39 4.97
CA GLY A 40 -13.82 1.51 5.41
C GLY A 40 -13.52 1.16 6.85
N GLU A 41 -14.49 1.36 7.74
CA GLU A 41 -14.23 1.16 9.17
C GLU A 41 -15.16 0.12 9.82
N THR A 42 -14.74 -0.36 10.98
CA THR A 42 -15.47 -1.40 11.69
C THR A 42 -16.06 -0.88 12.99
N GLY A 43 -17.06 -1.59 13.52
CA GLY A 43 -17.66 -1.24 14.79
C GLY A 43 -17.25 -2.21 15.88
N GLY A 44 -18.10 -2.35 16.90
CA GLY A 44 -17.82 -3.21 18.04
C GLY A 44 -17.35 -4.62 17.69
N ASP A 45 -17.93 -5.20 16.65
CA ASP A 45 -17.59 -6.58 16.27
C ASP A 45 -16.28 -6.65 15.49
N ARG A 46 -15.70 -5.49 15.17
CA ARG A 46 -14.41 -5.42 14.49
C ARG A 46 -14.28 -6.38 13.32
N SER A 47 -15.39 -6.67 12.66
CA SER A 47 -15.38 -7.62 11.54
C SER A 47 -16.24 -7.13 10.38
N THR A 48 -17.36 -6.49 10.72
CA THR A 48 -18.23 -5.92 9.72
C THR A 48 -17.71 -4.55 9.32
N VAL A 49 -17.37 -4.40 8.05
CA VAL A 49 -16.86 -3.12 7.55
C VAL A 49 -18.00 -2.22 7.10
N GLU A 50 -17.99 -0.99 7.58
CA GLU A 50 -19.01 -0.02 7.20
C GLU A 50 -18.37 1.16 6.49
N PHE A 51 -19.13 1.80 5.61
CA PHE A 51 -18.66 3.00 4.92
C PHE A 51 -19.82 3.92 4.60
N SER A 52 -19.68 5.19 4.98
CA SER A 52 -20.64 6.21 4.59
C SER A 52 -19.87 7.40 4.04
N PRO A 53 -20.21 7.83 2.82
CA PRO A 53 -19.51 8.93 2.17
C PRO A 53 -19.54 10.19 3.03
N VAL A 54 -18.44 10.94 3.03
CA VAL A 54 -18.30 12.11 3.89
C VAL A 54 -19.13 13.29 3.36
N TYR A 55 -19.54 13.19 2.10
CA TYR A 55 -20.44 14.18 1.51
C TYR A 55 -21.42 13.52 0.57
N GLY A 56 -22.59 14.13 0.42
CA GLY A 56 -23.61 13.66 -0.52
C GLY A 56 -24.34 12.43 -0.08
N THR A 57 -25.43 12.11 -0.80
CA THR A 57 -26.16 10.88 -0.55
C THR A 57 -25.37 9.71 -1.11
N ASP A 58 -25.78 8.50 -0.77
CA ASP A 58 -25.12 7.30 -1.28
C ASP A 58 -25.09 7.31 -2.80
N ALA A 59 -26.20 7.71 -3.40
CA ALA A 59 -26.31 7.78 -4.85
C ALA A 59 -25.33 8.79 -5.45
N ASP A 60 -25.22 9.96 -4.84
CA ASP A 60 -24.31 11.00 -5.31
C ASP A 60 -22.87 10.50 -5.35
N PHE A 61 -22.46 9.82 -4.29
CA PHE A 61 -21.09 9.31 -4.17
C PHE A 61 -20.83 8.22 -5.21
N LYS A 62 -21.80 7.32 -5.35
CA LYS A 62 -21.74 6.29 -6.37
C LYS A 62 -21.51 6.94 -7.73
N SER A 63 -22.22 8.03 -7.98
CA SER A 63 -22.12 8.76 -9.24
C SER A 63 -20.75 9.41 -9.46
N ASP A 64 -20.21 10.04 -8.41
CA ASP A 64 -18.90 10.66 -8.51
C ASP A 64 -17.83 9.63 -8.81
N ILE A 65 -18.00 8.43 -8.25
CA ILE A 65 -17.09 7.33 -8.50
C ILE A 65 -17.20 6.89 -9.95
N SER A 66 -18.43 6.76 -10.43
CA SER A 66 -18.68 6.41 -11.83
C SER A 66 -18.02 7.42 -12.76
N TYR A 67 -18.11 8.69 -12.40
CA TYR A 67 -17.48 9.76 -13.19
C TYR A 67 -15.98 9.52 -13.32
N LEU A 68 -15.30 9.36 -12.18
CA LEU A 68 -13.86 9.10 -12.19
C LEU A 68 -13.52 7.89 -13.04
N LYS A 69 -14.30 6.82 -12.87
CA LYS A 69 -14.08 5.60 -13.64
C LYS A 69 -14.27 5.84 -15.13
N SER A 70 -15.20 6.72 -15.48
CA SER A 70 -15.43 7.06 -16.89
C SER A 70 -14.20 7.75 -17.46
N LYS A 71 -13.41 8.39 -16.59
CA LYS A 71 -12.19 9.07 -17.00
C LYS A 71 -10.98 8.14 -16.95
N GLY A 72 -11.22 6.85 -16.73
CA GLY A 72 -10.14 5.86 -16.71
C GLY A 72 -9.47 5.69 -15.35
N LYS A 73 -9.96 6.42 -14.35
CA LYS A 73 -9.39 6.33 -13.01
C LYS A 73 -9.94 5.10 -12.28
N LYS A 74 -9.16 4.58 -11.34
CA LYS A 74 -9.61 3.50 -10.49
C LYS A 74 -9.96 4.04 -9.10
N VAL A 75 -11.08 3.60 -8.55
CA VAL A 75 -11.49 4.02 -7.21
C VAL A 75 -11.55 2.81 -6.29
N VAL A 76 -10.67 2.79 -5.30
CA VAL A 76 -10.50 1.63 -4.44
C VAL A 76 -10.91 1.96 -3.02
N LEU A 77 -11.49 1.00 -2.32
CA LEU A 77 -11.85 1.18 -0.92
C LEU A 77 -10.73 0.71 -0.01
N SER A 78 -10.17 1.62 0.76
CA SER A 78 -9.09 1.26 1.68
C SER A 78 -9.65 0.83 3.03
N ILE A 79 -9.22 -0.34 3.48
CA ILE A 79 -9.66 -0.89 4.74
C ILE A 79 -8.60 -0.71 5.80
N GLY A 80 -8.97 -0.04 6.89
CA GLY A 80 -8.02 0.21 7.97
C GLY A 80 -8.10 1.62 8.52
N GLY A 81 -6.95 2.20 8.80
CA GLY A 81 -6.91 3.49 9.49
C GLY A 81 -7.09 3.25 10.98
N GLN A 82 -7.20 4.33 11.75
CA GLN A 82 -7.33 4.20 13.21
C GLN A 82 -8.67 3.63 13.65
N ASN A 83 -9.71 3.88 12.88
CA ASN A 83 -11.05 3.41 13.24
C ASN A 83 -11.50 2.21 12.42
N GLY A 84 -10.57 1.56 11.73
CA GLY A 84 -10.91 0.46 10.84
C GLY A 84 -10.22 -0.84 11.19
N VAL A 85 -9.95 -1.04 12.47
CA VAL A 85 -9.32 -2.28 12.95
C VAL A 85 -10.18 -3.49 12.61
N VAL A 86 -9.55 -4.49 12.01
CA VAL A 86 -10.24 -5.72 11.64
C VAL A 86 -9.66 -6.92 12.38
N LEU A 87 -10.53 -7.70 13.02
CA LEU A 87 -10.12 -8.89 13.74
C LEU A 87 -10.92 -10.08 13.25
N LEU A 88 -10.23 -11.10 12.74
CA LEU A 88 -10.89 -12.29 12.23
C LEU A 88 -10.40 -13.53 12.98
N PRO A 89 -10.82 -13.68 14.24
CA PRO A 89 -10.36 -14.78 15.08
C PRO A 89 -10.92 -16.14 14.64
N ASP A 90 -12.01 -16.13 13.89
CA ASP A 90 -12.64 -17.36 13.46
C ASP A 90 -13.43 -17.19 12.18
N ASN A 91 -14.00 -18.28 11.68
CA ASN A 91 -14.70 -18.28 10.40
C ASN A 91 -15.92 -17.36 10.40
N ALA A 92 -16.62 -17.30 11.53
CA ALA A 92 -17.79 -16.44 11.64
C ALA A 92 -17.40 -14.99 11.36
N ALA A 93 -16.31 -14.54 11.98
CA ALA A 93 -15.82 -13.18 11.77
C ALA A 93 -15.40 -12.97 10.32
N LYS A 94 -14.65 -13.93 9.76
CA LYS A 94 -14.21 -13.84 8.38
C LYS A 94 -15.40 -13.63 7.44
N ASP A 95 -16.47 -14.40 7.67
CA ASP A 95 -17.67 -14.31 6.86
C ASP A 95 -18.33 -12.94 6.89
N ARG A 96 -18.48 -12.38 8.08
CA ARG A 96 -19.03 -11.03 8.21
C ARG A 96 -18.17 -10.04 7.45
N PHE A 97 -16.85 -10.19 7.58
CA PHE A 97 -15.91 -9.35 6.86
C PHE A 97 -16.11 -9.45 5.35
N ILE A 98 -16.05 -10.67 4.83
CA ILE A 98 -16.22 -10.91 3.40
C ILE A 98 -17.53 -10.29 2.91
N ASN A 99 -18.63 -10.60 3.60
CA ASN A 99 -19.95 -10.13 3.20
C ASN A 99 -20.09 -8.61 3.23
N SER A 100 -19.62 -7.99 4.31
CA SER A 100 -19.71 -6.54 4.45
C SER A 100 -18.92 -5.85 3.35
N ILE A 101 -17.75 -6.40 3.04
CA ILE A 101 -16.89 -5.81 2.01
C ILE A 101 -17.54 -5.90 0.64
N GLN A 102 -18.10 -7.07 0.33
CA GLN A 102 -18.74 -7.28 -0.97
C GLN A 102 -19.96 -6.39 -1.13
N SER A 103 -20.69 -6.16 -0.04
CA SER A 103 -21.83 -5.26 -0.06
C SER A 103 -21.41 -3.86 -0.48
N LEU A 104 -20.34 -3.36 0.14
CA LEU A 104 -19.85 -2.02 -0.12
C LEU A 104 -19.36 -1.86 -1.56
N ILE A 105 -18.58 -2.83 -2.04
CA ILE A 105 -18.08 -2.79 -3.41
C ILE A 105 -19.25 -2.72 -4.38
N ASP A 106 -20.28 -3.53 -4.13
CA ASP A 106 -21.47 -3.54 -4.96
C ASP A 106 -22.26 -2.24 -4.83
N LYS A 107 -22.36 -1.73 -3.61
CA LYS A 107 -23.15 -0.55 -3.32
C LYS A 107 -22.59 0.70 -4.02
N TYR A 108 -21.27 0.87 -3.98
CA TYR A 108 -20.65 2.09 -4.49
C TYR A 108 -19.85 1.91 -5.78
N GLY A 109 -19.69 0.65 -6.20
CA GLY A 109 -19.00 0.36 -7.45
C GLY A 109 -17.48 0.51 -7.38
N PHE A 110 -16.92 0.26 -6.20
CA PHE A 110 -15.48 0.32 -6.03
C PHE A 110 -14.78 -0.65 -6.99
N ASP A 111 -13.60 -0.26 -7.46
CA ASP A 111 -12.83 -1.08 -8.40
C ASP A 111 -12.04 -2.17 -7.72
N GLY A 112 -11.94 -2.11 -6.40
CA GLY A 112 -11.18 -3.09 -5.63
C GLY A 112 -11.00 -2.61 -4.21
N ILE A 113 -10.08 -3.24 -3.50
CA ILE A 113 -9.83 -2.87 -2.10
C ILE A 113 -8.34 -2.68 -1.82
N ASP A 114 -8.05 -1.87 -0.81
CA ASP A 114 -6.69 -1.66 -0.35
C ASP A 114 -6.60 -2.12 1.10
N ILE A 115 -5.63 -2.96 1.40
CA ILE A 115 -5.44 -3.46 2.76
C ILE A 115 -4.48 -2.55 3.51
N ASP A 116 -5.02 -1.77 4.43
CA ASP A 116 -4.22 -0.79 5.16
C ASP A 116 -4.39 -0.98 6.65
N LEU A 117 -4.21 -2.23 7.10
CA LEU A 117 -4.37 -2.58 8.50
C LEU A 117 -3.04 -2.47 9.23
N GLY A 118 -3.02 -1.62 10.26
CA GLY A 118 -1.79 -1.35 11.01
C GLY A 118 -1.84 -1.76 12.46
N SER A 119 -2.79 -2.64 12.79
CA SER A 119 -2.89 -3.19 14.14
C SER A 119 -3.74 -4.46 14.11
N GLY A 120 -3.62 -5.26 15.16
CA GLY A 120 -4.37 -6.52 15.24
C GLY A 120 -3.76 -7.61 14.39
N ILE A 121 -2.61 -7.33 13.79
CA ILE A 121 -1.93 -8.30 12.94
C ILE A 121 -0.62 -8.75 13.55
N TYR A 122 -0.60 -10.00 14.00
CA TYR A 122 0.57 -10.55 14.70
C TYR A 122 0.83 -11.98 14.24
N LEU A 123 2.10 -12.36 14.20
CA LEU A 123 2.46 -13.76 14.04
C LEU A 123 2.49 -14.39 15.42
N ASN A 124 1.63 -15.38 15.64
CA ASN A 124 1.63 -16.10 16.91
C ASN A 124 2.88 -16.96 17.05
N GLY A 125 3.21 -17.32 18.29
CA GLY A 125 4.31 -18.24 18.51
C GLY A 125 4.07 -19.49 17.69
N ASN A 126 5.15 -20.04 17.14
CA ASN A 126 5.06 -21.26 16.34
C ASN A 126 4.69 -21.00 14.87
N ASP A 127 4.25 -19.78 14.57
CA ASP A 127 3.94 -19.40 13.19
C ASP A 127 5.21 -18.93 12.50
N THR A 128 5.94 -19.86 11.89
CA THR A 128 7.30 -19.60 11.44
C THR A 128 7.50 -19.69 9.93
N ASN A 129 6.48 -20.16 9.21
CA ASN A 129 6.58 -20.36 7.78
C ASN A 129 5.65 -19.42 7.01
N PHE A 130 6.23 -18.47 6.29
CA PHE A 130 5.42 -17.47 5.60
C PHE A 130 4.60 -18.08 4.46
N LYS A 131 5.01 -19.26 3.99
CA LYS A 131 4.27 -19.95 2.94
C LYS A 131 3.06 -20.69 3.50
N ASN A 132 3.08 -20.96 4.80
CA ASN A 132 2.00 -21.69 5.45
C ASN A 132 1.68 -21.14 6.83
N PRO A 133 1.02 -19.96 6.88
CA PRO A 133 0.70 -19.31 8.15
C PRO A 133 -0.25 -20.13 9.00
N THR A 134 -0.17 -19.95 10.32
CA THR A 134 -1.01 -20.70 11.25
C THR A 134 -1.82 -19.78 12.15
N THR A 135 -1.49 -18.50 12.14
CA THR A 135 -2.23 -17.51 12.92
C THR A 135 -3.58 -17.20 12.27
N PRO A 136 -4.67 -17.43 13.01
CA PRO A 136 -6.03 -17.26 12.48
C PRO A 136 -6.25 -15.93 11.76
N GLN A 137 -5.88 -14.83 12.41
CA GLN A 137 -6.02 -13.50 11.82
C GLN A 137 -5.44 -13.50 10.41
N ILE A 138 -4.23 -14.04 10.28
CA ILE A 138 -3.50 -14.03 9.01
C ILE A 138 -4.06 -15.03 8.01
N VAL A 139 -4.36 -16.24 8.49
CA VAL A 139 -4.96 -17.27 7.66
C VAL A 139 -6.32 -16.79 7.13
N ASN A 140 -7.12 -16.23 8.02
CA ASN A 140 -8.46 -15.79 7.67
C ASN A 140 -8.46 -14.55 6.76
N LEU A 141 -7.50 -13.67 6.99
CA LEU A 141 -7.35 -12.48 6.17
C LEU A 141 -7.01 -12.88 4.74
N ILE A 142 -6.05 -13.79 4.59
CA ILE A 142 -5.69 -14.31 3.28
C ILE A 142 -6.90 -14.93 2.60
N SER A 143 -7.63 -15.76 3.33
CA SER A 143 -8.79 -16.46 2.79
C SER A 143 -9.87 -15.47 2.36
N ALA A 144 -10.16 -14.50 3.21
CA ALA A 144 -11.16 -13.48 2.89
C ALA A 144 -10.77 -12.70 1.64
N ILE A 145 -9.51 -12.30 1.55
CA ILE A 145 -9.01 -11.54 0.40
C ILE A 145 -9.11 -12.34 -0.89
N ARG A 146 -8.75 -13.62 -0.84
CA ARG A 146 -8.87 -14.50 -1.99
C ARG A 146 -10.32 -14.66 -2.41
N THR A 147 -11.19 -14.82 -1.41
CA THR A 147 -12.62 -15.01 -1.68
C THR A 147 -13.22 -13.78 -2.35
N ILE A 148 -13.01 -12.61 -1.76
CA ILE A 148 -13.49 -11.36 -2.34
C ILE A 148 -12.95 -11.18 -3.76
N SER A 149 -11.64 -11.32 -3.92
CA SER A 149 -11.01 -11.22 -5.22
C SER A 149 -11.70 -12.11 -6.25
N ASP A 150 -11.86 -13.38 -5.91
CA ASP A 150 -12.45 -14.36 -6.82
C ASP A 150 -13.92 -14.03 -7.13
N HIS A 151 -14.55 -13.28 -6.25
CA HIS A 151 -15.96 -12.95 -6.42
C HIS A 151 -16.18 -11.88 -7.48
N TYR A 152 -15.10 -11.23 -7.91
CA TYR A 152 -15.18 -10.17 -8.90
C TYR A 152 -14.36 -10.45 -10.15
N GLY A 153 -14.62 -9.67 -11.20
CA GLY A 153 -13.98 -9.89 -12.50
C GLY A 153 -12.46 -9.71 -12.53
N PRO A 154 -11.89 -9.77 -13.73
CA PRO A 154 -10.45 -9.67 -13.94
C PRO A 154 -9.89 -8.30 -13.57
N ASP A 155 -10.75 -7.29 -13.56
CA ASP A 155 -10.30 -5.92 -13.31
C ASP A 155 -10.26 -5.54 -11.83
N PHE A 156 -10.57 -6.50 -10.96
CA PHE A 156 -10.56 -6.24 -9.52
C PHE A 156 -9.16 -5.84 -9.04
N LEU A 157 -9.08 -4.68 -8.41
CA LEU A 157 -7.79 -4.15 -7.97
C LEU A 157 -7.54 -4.50 -6.50
N LEU A 158 -6.39 -5.09 -6.23
CA LEU A 158 -5.99 -5.44 -4.87
C LEU A 158 -4.65 -4.80 -4.54
N SER A 159 -4.64 -3.94 -3.53
CA SER A 159 -3.39 -3.33 -3.06
C SER A 159 -3.25 -3.46 -1.55
N MET A 160 -2.07 -3.13 -1.05
CA MET A 160 -1.82 -3.16 0.39
C MET A 160 -0.80 -2.09 0.75
N ALA A 161 -0.92 -1.55 1.96
CA ALA A 161 0.00 -0.50 2.41
C ALA A 161 0.49 -0.77 3.84
N PRO A 162 1.15 -1.91 4.05
CA PRO A 162 1.67 -2.23 5.37
C PRO A 162 2.84 -1.32 5.73
N GLU A 163 3.08 -1.16 7.04
CA GLU A 163 4.26 -0.46 7.50
C GLU A 163 5.48 -1.37 7.34
N THR A 164 6.66 -0.76 7.29
CA THR A 164 7.89 -1.51 6.96
C THR A 164 8.18 -2.69 7.88
N ALA A 165 7.86 -2.56 9.16
CA ALA A 165 8.12 -3.63 10.13
C ALA A 165 7.46 -4.94 9.71
N TYR A 166 6.28 -4.84 9.11
CA TYR A 166 5.50 -6.00 8.70
C TYR A 166 6.05 -6.66 7.43
N VAL A 167 6.94 -5.97 6.74
CA VAL A 167 7.45 -6.48 5.46
C VAL A 167 8.97 -6.58 5.48
N GLN A 168 9.64 -5.47 5.24
CA GLN A 168 11.11 -5.44 5.28
C GLN A 168 11.65 -5.82 6.66
N GLY A 169 10.88 -5.51 7.70
CA GLY A 169 11.25 -5.88 9.06
C GLY A 169 11.46 -7.38 9.18
N GLY A 170 10.82 -8.13 8.29
CA GLY A 170 10.97 -9.58 8.24
C GLY A 170 12.42 -10.00 8.06
N TYR A 171 13.26 -9.07 7.61
CA TYR A 171 14.68 -9.34 7.43
C TYR A 171 15.36 -9.51 8.78
N SER A 172 14.86 -8.78 9.78
CA SER A 172 15.45 -8.81 11.11
C SER A 172 14.84 -9.88 12.01
N ALA A 173 13.52 -10.04 11.93
CA ALA A 173 12.83 -11.00 12.76
C ALA A 173 11.54 -11.48 12.11
N TYR A 174 11.09 -12.67 12.49
CA TYR A 174 9.83 -13.22 12.02
C TYR A 174 8.99 -13.70 13.20
N GLY A 175 8.03 -12.88 13.60
CA GLY A 175 7.23 -13.13 14.80
C GLY A 175 6.63 -11.82 15.28
N SER A 176 5.50 -11.90 15.96
CA SER A 176 4.75 -10.70 16.33
C SER A 176 4.48 -9.89 15.05
N ILE A 177 4.69 -8.58 15.08
CA ILE A 177 4.44 -7.78 13.87
C ILE A 177 5.54 -7.94 12.82
N TRP A 178 6.71 -8.37 13.25
CA TRP A 178 7.86 -8.42 12.36
C TRP A 178 7.74 -9.50 11.30
N GLY A 179 7.64 -9.07 10.05
CA GLY A 179 7.43 -9.96 8.91
C GLY A 179 5.99 -10.42 8.75
N ALA A 180 5.09 -9.87 9.56
CA ALA A 180 3.71 -10.37 9.63
C ALA A 180 2.88 -10.26 8.34
N TYR A 181 3.20 -9.29 7.48
CA TYR A 181 2.49 -9.19 6.21
C TYR A 181 3.04 -10.12 5.14
N LEU A 182 4.23 -10.69 5.38
CA LEU A 182 4.85 -11.56 4.38
C LEU A 182 3.96 -12.73 3.98
N PRO A 183 3.43 -13.47 4.96
CA PRO A 183 2.52 -14.55 4.61
C PRO A 183 1.27 -14.04 3.90
N ILE A 184 0.85 -12.82 4.22
CA ILE A 184 -0.31 -12.21 3.59
C ILE A 184 -0.01 -11.92 2.11
N ILE A 185 1.11 -11.24 1.89
CA ILE A 185 1.57 -10.94 0.53
C ILE A 185 1.75 -12.23 -0.27
N TYR A 186 2.50 -13.17 0.28
CA TYR A 186 2.74 -14.44 -0.40
C TYR A 186 1.42 -15.16 -0.67
N GLY A 187 0.51 -15.13 0.30
CA GLY A 187 -0.75 -15.84 0.19
C GLY A 187 -1.70 -15.30 -0.87
N VAL A 188 -1.48 -14.05 -1.27
CA VAL A 188 -2.38 -13.41 -2.24
C VAL A 188 -1.63 -12.85 -3.45
N LYS A 189 -0.38 -13.24 -3.63
CA LYS A 189 0.48 -12.64 -4.66
C LYS A 189 -0.05 -12.82 -6.08
N ASP A 190 -0.84 -13.86 -6.31
CA ASP A 190 -1.42 -14.09 -7.63
C ASP A 190 -2.62 -13.16 -7.89
N LYS A 191 -3.10 -12.51 -6.83
CA LYS A 191 -4.22 -11.59 -6.95
C LYS A 191 -3.77 -10.14 -6.73
N LEU A 192 -2.58 -9.98 -6.19
CA LEU A 192 -2.07 -8.67 -5.80
C LEU A 192 -1.72 -7.81 -7.01
N THR A 193 -2.35 -6.64 -7.12
CA THR A 193 -2.05 -5.71 -8.21
C THR A 193 -0.73 -5.01 -7.94
N TYR A 194 -0.60 -4.46 -6.74
CA TYR A 194 0.64 -3.85 -6.31
C TYR A 194 0.63 -3.64 -4.80
N ILE A 195 1.81 -3.57 -4.22
CA ILE A 195 1.95 -3.23 -2.81
C ILE A 195 2.73 -1.94 -2.68
N HIS A 196 2.23 -1.01 -1.87
CA HIS A 196 2.95 0.21 -1.60
C HIS A 196 3.21 0.37 -0.10
N VAL A 197 4.32 -0.21 0.35
CA VAL A 197 4.73 -0.11 1.75
C VAL A 197 4.87 1.36 2.15
N GLN A 198 4.52 1.68 3.39
CA GLN A 198 4.63 3.04 3.90
C GLN A 198 6.07 3.35 4.28
N HIS A 199 6.80 4.00 3.38
CA HIS A 199 8.17 4.42 3.63
C HIS A 199 8.22 5.70 4.48
N PHE A 200 7.40 5.76 5.52
CA PHE A 200 7.36 6.95 6.37
C PHE A 200 6.89 6.62 7.79
N ASN A 201 7.10 7.55 8.71
CA ASN A 201 6.87 7.26 10.13
C ASN A 201 7.53 5.93 10.50
N ALA A 202 8.71 5.68 9.94
CA ALA A 202 9.35 4.37 10.05
C ALA A 202 10.73 4.42 10.70
N GLY A 203 11.23 5.63 10.96
CA GLY A 203 12.54 5.80 11.58
C GLY A 203 13.69 5.39 10.67
N SER A 204 14.17 4.16 10.86
CA SER A 204 15.24 3.64 10.04
C SER A 204 14.92 2.21 9.62
N GLY A 205 15.65 1.70 8.64
CA GLY A 205 15.40 0.35 8.14
C GLY A 205 16.68 -0.30 7.67
N ILE A 206 16.76 -1.62 7.85
CA ILE A 206 17.94 -2.38 7.47
C ILE A 206 17.77 -3.00 6.09
N GLY A 207 18.69 -2.68 5.18
CA GLY A 207 18.66 -3.26 3.84
C GLY A 207 19.30 -4.63 3.80
N MET A 208 19.17 -5.30 2.65
CA MET A 208 19.70 -6.64 2.47
C MET A 208 21.21 -6.69 2.64
N ASP A 209 21.83 -5.51 2.66
CA ASP A 209 23.26 -5.41 2.88
C ASP A 209 23.58 -5.36 4.36
N GLY A 210 22.54 -5.49 5.19
CA GLY A 210 22.71 -5.48 6.64
C GLY A 210 23.02 -4.09 7.17
N ASN A 211 22.90 -3.10 6.29
CA ASN A 211 23.16 -1.71 6.68
C ASN A 211 21.89 -0.96 7.07
N ASN A 212 22.01 -0.06 8.03
CA ASN A 212 20.88 0.72 8.51
C ASN A 212 20.76 2.01 7.70
N TYR A 213 19.55 2.30 7.22
CA TYR A 213 19.30 3.52 6.48
C TYR A 213 18.18 4.33 7.14
N ASN A 214 18.29 5.66 7.06
CA ASN A 214 17.26 6.53 7.64
C ASN A 214 16.16 6.85 6.65
N GLN A 215 14.91 6.84 7.12
CA GLN A 215 13.79 7.19 6.27
C GLN A 215 13.97 8.58 5.70
N GLY A 216 13.39 8.83 4.53
CA GLY A 216 13.42 10.17 3.93
C GLY A 216 14.69 10.46 3.16
N THR A 217 15.51 9.44 2.97
CA THR A 217 16.73 9.58 2.18
C THR A 217 16.63 8.69 0.95
N ALA A 218 17.30 9.07 -0.13
CA ALA A 218 17.26 8.30 -1.36
C ALA A 218 17.75 6.87 -1.16
N ASP A 219 18.84 6.69 -0.41
CA ASP A 219 19.37 5.36 -0.14
C ASP A 219 18.30 4.47 0.50
N TYR A 220 17.60 5.03 1.49
CA TYR A 220 16.55 4.31 2.19
C TYR A 220 15.45 3.82 1.24
N GLU A 221 15.00 4.71 0.36
CA GLU A 221 13.94 4.36 -0.58
C GLU A 221 14.37 3.18 -1.45
N VAL A 222 15.60 3.24 -1.95
CA VAL A 222 16.13 2.17 -2.79
C VAL A 222 16.25 0.87 -2.01
N ALA A 223 16.86 0.94 -0.83
CA ALA A 223 17.09 -0.25 -0.02
C ALA A 223 15.78 -0.98 0.30
N MET A 224 14.75 -0.23 0.68
CA MET A 224 13.50 -0.84 1.11
C MET A 224 12.75 -1.45 -0.07
N ALA A 225 12.74 -0.75 -1.20
CA ALA A 225 12.07 -1.25 -2.39
C ALA A 225 12.80 -2.44 -2.98
N ASP A 226 14.13 -2.44 -2.90
CA ASP A 226 14.94 -3.52 -3.47
C ASP A 226 14.63 -4.86 -2.80
N MET A 227 14.24 -4.83 -1.54
CA MET A 227 13.92 -6.06 -0.83
C MET A 227 12.71 -6.75 -1.45
N LEU A 228 11.75 -5.98 -1.94
CA LEU A 228 10.59 -6.56 -2.61
C LEU A 228 10.90 -6.88 -4.07
N LEU A 229 11.76 -6.09 -4.68
CA LEU A 229 12.10 -6.28 -6.08
C LEU A 229 13.00 -7.49 -6.27
N HIS A 230 13.77 -7.83 -5.24
CA HIS A 230 14.77 -8.89 -5.34
C HIS A 230 14.47 -10.10 -4.45
N GLY A 231 13.67 -9.89 -3.41
CA GLY A 231 13.44 -10.93 -2.41
C GLY A 231 14.55 -10.86 -1.38
N PHE A 232 14.38 -11.54 -0.26
CA PHE A 232 15.35 -11.47 0.82
C PHE A 232 15.21 -12.62 1.81
N PRO A 233 16.28 -12.92 2.54
CA PRO A 233 16.26 -13.95 3.57
C PRO A 233 15.50 -13.47 4.79
N VAL A 234 14.64 -14.34 5.33
CA VAL A 234 13.74 -13.97 6.42
C VAL A 234 14.29 -14.38 7.79
N GLY A 235 14.28 -13.43 8.72
CA GLY A 235 14.62 -13.71 10.12
C GLY A 235 16.04 -14.20 10.36
N GLY A 236 16.97 -13.81 9.49
CA GLY A 236 18.35 -14.24 9.62
C GLY A 236 18.58 -15.66 9.15
N ASN A 237 17.60 -16.23 8.46
CA ASN A 237 17.72 -17.58 7.94
C ASN A 237 18.00 -17.60 6.43
N ALA A 238 19.23 -17.94 6.08
CA ALA A 238 19.65 -17.95 4.69
C ALA A 238 18.87 -18.98 3.86
N ASN A 239 18.21 -19.90 4.55
CA ASN A 239 17.44 -20.95 3.87
C ASN A 239 15.95 -20.63 3.79
N ASN A 240 15.59 -19.43 4.24
CA ASN A 240 14.20 -19.01 4.24
C ASN A 240 14.04 -17.73 3.42
N ILE A 241 14.07 -17.88 2.10
CA ILE A 241 14.04 -16.72 1.21
C ILE A 241 12.63 -16.30 0.84
N PHE A 242 12.30 -15.04 1.09
CA PHE A 242 11.04 -14.49 0.61
C PHE A 242 11.25 -14.10 -0.85
N PRO A 243 10.47 -14.69 -1.76
CA PRO A 243 10.69 -14.49 -3.20
C PRO A 243 10.39 -13.07 -3.66
N ALA A 244 11.09 -12.63 -4.70
CA ALA A 244 10.83 -11.32 -5.28
C ALA A 244 9.41 -11.27 -5.83
N LEU A 245 8.77 -10.11 -5.71
CA LEU A 245 7.51 -9.89 -6.38
C LEU A 245 7.81 -9.49 -7.81
N ARG A 246 6.81 -9.51 -8.68
CA ARG A 246 6.97 -8.90 -9.98
C ARG A 246 7.26 -7.42 -9.77
N SER A 247 8.10 -6.85 -10.63
CA SER A 247 8.43 -5.43 -10.51
C SER A 247 7.16 -4.59 -10.62
N ASP A 248 6.25 -5.00 -11.49
CA ASP A 248 5.01 -4.26 -11.69
C ASP A 248 4.06 -4.40 -10.51
N GLN A 249 4.49 -5.12 -9.48
CA GLN A 249 3.73 -5.24 -8.25
C GLN A 249 4.31 -4.36 -7.14
N VAL A 250 5.42 -3.69 -7.44
CA VAL A 250 6.16 -2.94 -6.43
C VAL A 250 6.02 -1.43 -6.61
N MET A 251 5.48 -0.77 -5.59
CA MET A 251 5.41 0.68 -5.54
C MET A 251 6.07 1.15 -4.25
N ILE A 252 6.20 2.47 -4.10
CA ILE A 252 6.69 3.05 -2.87
C ILE A 252 5.68 4.06 -2.34
N GLY A 253 5.34 3.94 -1.05
CA GLY A 253 4.39 4.85 -0.43
C GLY A 253 5.12 5.98 0.27
N LEU A 254 4.73 7.22 -0.04
CA LEU A 254 5.42 8.40 0.48
C LEU A 254 4.45 9.44 1.00
N PRO A 255 4.90 10.28 1.93
CA PRO A 255 4.10 11.42 2.37
C PRO A 255 4.11 12.49 1.29
N ALA A 256 2.95 13.10 1.02
CA ALA A 256 2.85 14.13 -0.02
C ALA A 256 3.54 15.40 0.43
N ALA A 257 3.65 15.58 1.74
CA ALA A 257 4.25 16.77 2.33
C ALA A 257 4.90 16.40 3.66
N PRO A 258 5.82 17.25 4.13
CA PRO A 258 6.42 16.98 5.43
C PRO A 258 5.37 16.69 6.51
N ALA A 259 4.32 17.50 6.56
CA ALA A 259 3.30 17.36 7.60
C ALA A 259 2.40 16.13 7.44
N ALA A 260 2.45 15.49 6.28
CA ALA A 260 1.64 14.31 6.05
C ALA A 260 2.18 13.10 6.82
N ALA A 261 3.42 13.21 7.27
CA ALA A 261 4.05 12.19 8.09
C ALA A 261 4.81 12.85 9.24
N PRO A 262 4.09 13.20 10.31
CA PRO A 262 4.61 13.97 11.45
C PRO A 262 5.81 13.35 12.15
N SER A 263 6.06 12.06 11.89
CA SER A 263 7.19 11.38 12.53
C SER A 263 8.36 11.23 11.57
N GLY A 264 8.30 11.92 10.44
CA GLY A 264 9.37 11.87 9.45
C GLY A 264 9.04 10.95 8.30
N GLY A 265 9.84 11.00 7.25
CA GLY A 265 9.64 10.15 6.08
C GLY A 265 9.55 10.90 4.77
N TYR A 266 9.13 12.16 4.83
CA TYR A 266 9.05 12.98 3.63
C TYR A 266 10.41 13.06 2.96
N ILE A 267 10.41 12.98 1.64
CA ILE A 267 11.63 13.13 0.85
C ILE A 267 11.36 14.11 -0.28
N SER A 268 12.32 15.00 -0.56
CA SER A 268 12.13 16.00 -1.60
C SER A 268 12.08 15.30 -2.95
N PRO A 269 11.21 15.78 -3.87
CA PRO A 269 11.17 15.23 -5.21
C PRO A 269 12.55 15.15 -5.86
N THR A 270 13.39 16.15 -5.65
CA THR A 270 14.73 16.13 -6.22
C THR A 270 15.53 14.91 -5.75
N GLU A 271 15.44 14.60 -4.46
CA GLU A 271 16.13 13.42 -3.94
C GLU A 271 15.42 12.13 -4.32
N MET A 272 14.10 12.15 -4.31
CA MET A 272 13.34 10.96 -4.69
C MET A 272 13.59 10.55 -6.15
N LYS A 273 13.77 11.54 -7.02
CA LYS A 273 14.04 11.25 -8.44
C LYS A 273 15.37 10.54 -8.64
N LYS A 274 16.35 10.84 -7.80
CA LYS A 274 17.61 10.10 -7.80
C LYS A 274 17.34 8.62 -7.50
N ALA A 275 16.55 8.37 -6.45
CA ALA A 275 16.21 7.01 -6.06
C ALA A 275 15.46 6.30 -7.18
N LEU A 276 14.49 6.99 -7.77
CA LEU A 276 13.70 6.43 -8.86
C LEU A 276 14.56 6.10 -10.08
N ASN A 277 15.45 7.03 -10.46
CA ASN A 277 16.33 6.77 -11.59
C ASN A 277 17.18 5.52 -11.36
N TYR A 278 17.58 5.31 -10.11
CA TYR A 278 18.37 4.14 -9.75
C TYR A 278 17.52 2.87 -9.78
N ILE A 279 16.41 2.90 -9.05
CA ILE A 279 15.51 1.75 -9.02
C ILE A 279 15.09 1.35 -10.43
N ILE A 280 14.61 2.32 -11.21
CA ILE A 280 14.00 2.06 -12.50
C ILE A 280 15.01 1.87 -13.65
N LYS A 281 16.01 2.75 -13.71
CA LYS A 281 16.94 2.75 -14.84
C LYS A 281 18.31 2.19 -14.49
N GLY A 282 18.58 1.99 -13.21
CA GLY A 282 19.87 1.50 -12.76
C GLY A 282 20.95 2.57 -12.84
N VAL A 283 20.53 3.82 -12.71
CA VAL A 283 21.45 4.95 -12.68
C VAL A 283 21.73 5.38 -11.24
N PRO A 284 22.97 5.17 -10.76
CA PRO A 284 23.34 5.51 -9.39
C PRO A 284 23.46 7.01 -9.16
N PHE A 285 23.47 7.43 -7.90
CA PHE A 285 23.55 8.85 -7.57
C PHE A 285 24.64 9.12 -6.52
N GLY A 286 25.55 8.18 -6.36
CA GLY A 286 26.62 8.34 -5.38
C GLY A 286 26.16 7.98 -3.98
N GLY A 287 25.07 7.22 -3.89
CA GLY A 287 24.55 6.79 -2.60
C GLY A 287 25.34 5.62 -2.04
N LYS A 288 25.01 5.22 -0.82
CA LYS A 288 25.73 4.14 -0.14
C LYS A 288 25.20 2.77 -0.54
N TYR A 289 23.90 2.70 -0.82
CA TYR A 289 23.27 1.42 -1.13
C TYR A 289 23.50 0.99 -2.58
N LYS A 290 23.83 -0.29 -2.76
CA LYS A 290 24.07 -0.82 -4.11
C LYS A 290 22.91 -1.73 -4.54
N LEU A 291 22.21 -1.30 -5.59
CA LEU A 291 21.03 -2.01 -6.08
C LEU A 291 21.34 -3.47 -6.48
N SER A 292 20.43 -4.37 -6.09
CA SER A 292 20.58 -5.79 -6.37
C SER A 292 20.73 -6.05 -7.87
N ASN A 293 20.01 -5.28 -8.68
CA ASN A 293 20.08 -5.40 -10.13
C ASN A 293 20.77 -4.19 -10.73
N GLN A 294 22.04 -4.38 -11.10
CA GLN A 294 22.88 -3.33 -11.68
C GLN A 294 22.16 -2.44 -12.70
N SER A 295 21.32 -3.03 -13.53
CA SER A 295 20.69 -2.31 -14.63
C SER A 295 19.25 -1.88 -14.32
N GLY A 296 18.81 -2.11 -13.09
CA GLY A 296 17.52 -1.58 -12.63
C GLY A 296 16.31 -2.46 -12.87
N TYR A 297 15.16 -1.97 -12.40
CA TYR A 297 13.89 -2.65 -12.55
C TYR A 297 12.89 -1.76 -13.27
N PRO A 298 12.97 -1.73 -14.61
CA PRO A 298 12.19 -0.82 -15.44
C PRO A 298 10.68 -0.94 -15.24
N ALA A 299 10.20 -2.10 -14.79
CA ALA A 299 8.75 -2.29 -14.63
C ALA A 299 8.24 -1.90 -13.24
N PHE A 300 9.12 -1.32 -12.42
CA PHE A 300 8.71 -0.76 -11.14
C PHE A 300 7.42 0.02 -11.37
N ARG A 301 6.44 -0.16 -10.49
CA ARG A 301 5.07 0.26 -10.80
C ARG A 301 4.73 1.73 -10.56
N GLY A 302 5.40 2.37 -9.61
CA GLY A 302 5.14 3.78 -9.34
C GLY A 302 5.14 4.18 -7.88
N LEU A 303 4.39 5.23 -7.57
CA LEU A 303 4.39 5.80 -6.22
C LEU A 303 2.97 5.92 -5.66
N MET A 304 2.84 5.63 -4.37
CA MET A 304 1.62 5.90 -3.63
C MET A 304 1.89 7.09 -2.71
N SER A 305 0.85 7.82 -2.34
CA SER A 305 1.04 8.94 -1.43
C SER A 305 -0.08 9.13 -0.43
N TRP A 306 0.31 9.38 0.82
CA TRP A 306 -0.57 9.95 1.80
C TRP A 306 -0.24 11.43 1.80
N SER A 307 -1.10 12.25 1.20
CA SER A 307 -2.34 11.79 0.57
C SER A 307 -2.76 12.79 -0.50
N ILE A 308 -3.88 12.50 -1.17
CA ILE A 308 -4.41 13.43 -2.16
C ILE A 308 -4.70 14.78 -1.51
N ASN A 309 -5.27 14.73 -0.30
CA ASN A 309 -5.63 15.96 0.42
C ASN A 309 -4.42 16.76 0.89
N TRP A 310 -3.41 16.07 1.39
CA TRP A 310 -2.16 16.72 1.79
C TRP A 310 -1.43 17.32 0.59
N ASP A 311 -1.44 16.61 -0.53
CA ASP A 311 -0.82 17.07 -1.76
C ASP A 311 -1.44 18.39 -2.22
N ALA A 312 -2.76 18.43 -2.25
CA ALA A 312 -3.46 19.65 -2.66
C ALA A 312 -3.09 20.81 -1.75
N LYS A 313 -2.92 20.52 -0.47
CA LYS A 313 -2.58 21.56 0.50
C LYS A 313 -1.12 21.98 0.36
N ASN A 314 -0.33 21.15 -0.32
CA ASN A 314 1.09 21.43 -0.51
C ASN A 314 1.42 21.88 -1.93
N ASN A 315 0.56 22.68 -2.53
CA ASN A 315 0.80 23.20 -3.87
C ASN A 315 0.97 22.09 -4.90
N PHE A 316 0.33 20.94 -4.66
CA PHE A 316 0.41 19.80 -5.56
C PHE A 316 1.84 19.42 -5.91
N GLU A 317 2.76 19.62 -4.96
CA GLU A 317 4.16 19.26 -5.20
C GLU A 317 4.32 17.80 -5.62
N PHE A 318 3.70 16.90 -4.87
CA PHE A 318 3.85 15.47 -5.14
C PHE A 318 3.31 15.08 -6.51
N SER A 319 2.05 15.37 -6.76
CA SER A 319 1.42 14.97 -8.02
C SER A 319 2.12 15.58 -9.24
N ASN A 320 2.38 16.89 -9.20
CA ASN A 320 3.03 17.57 -10.33
C ASN A 320 4.43 17.04 -10.61
N ASN A 321 5.24 16.95 -9.57
CA ASN A 321 6.62 16.49 -9.74
C ASN A 321 6.73 15.06 -10.25
N TYR A 322 5.94 14.16 -9.68
CA TYR A 322 6.07 12.76 -10.04
C TYR A 322 5.29 12.37 -11.29
N ARG A 323 4.19 13.06 -11.55
CA ARG A 323 3.46 12.83 -12.79
C ARG A 323 4.33 13.22 -13.98
N THR A 324 5.00 14.36 -13.85
CA THR A 324 5.92 14.83 -14.89
C THR A 324 7.08 13.87 -15.06
N TYR A 325 7.64 13.43 -13.95
CA TYR A 325 8.76 12.48 -13.98
C TYR A 325 8.39 11.20 -14.72
N PHE A 326 7.28 10.58 -14.32
CA PHE A 326 6.86 9.33 -14.94
C PHE A 326 6.42 9.53 -16.39
N ASP A 327 5.77 10.65 -16.68
CA ASP A 327 5.36 10.95 -18.05
C ASP A 327 6.60 11.07 -18.93
N GLY A 328 7.68 11.58 -18.35
CA GLY A 328 8.92 11.78 -19.08
C GLY A 328 9.65 10.50 -19.41
N LEU A 329 9.18 9.39 -18.87
CA LEU A 329 9.81 8.09 -19.14
C LEU A 329 9.45 7.59 -20.53
N CHQ B . -1.70 8.76 8.50
CA CHQ B . -2.86 8.14 9.16
C CHQ B . -3.40 7.01 8.27
O CHQ B . -4.60 6.73 8.30
CB CHQ B . -3.91 9.24 9.42
ND1 CHQ B . -6.45 9.28 9.18
CE1 CHQ B . -7.49 8.60 9.64
NE2 CHQ B . -7.04 7.64 10.44
CD2 CHQ B . -5.71 7.73 10.48
CG CHQ B . -5.35 8.74 9.69
NP CHQ B . -2.54 6.26 7.44
CAP CHQ B . -1.11 6.54 7.39
CP CHQ B . -0.86 8.02 7.65
OP CHQ B . 0.10 8.57 7.12
CBP CHQ B . -0.70 6.22 5.93
CGP CHQ B . -1.85 5.40 5.34
CDP CHQ B . -2.79 5.14 6.51
#